data_3IWA
#
_entry.id   3IWA
#
_cell.length_a   127.564
_cell.length_b   127.564
_cell.length_c   157.713
_cell.angle_alpha   90.000
_cell.angle_beta   90.000
_cell.angle_gamma   120.000
#
_symmetry.space_group_name_H-M   'H 3 2'
#
loop_
_entity.id
_entity.type
_entity.pdbx_description
1 polymer 'FAD-dependent pyridine nucleotide-disulphide oxidoreductase'
2 non-polymer 'CALCIUM ION'
3 water water
#
_entity_poly.entity_id   1
_entity_poly.type   'polypeptide(L)'
_entity_poly.pdbx_seq_one_letter_code
;MSLKHVVVIGAVALGPKAACRFKRLDPEAHVTMIDQASRISYGGCGIPYYVSGEVSNIESLQATPYNVVRDPEFFRINKD
VEALVETRAHAIDRAAHTVEIENLRTGERRTLKYDKLVLALGSKANRPPVEGMDLAGVTPVTNLDEAEFVQHAISAGEVS
KAVIVGGGFIGLEMAVSLADMWGIDTTVVELADQIMPGFTSKSLSQMLRHDLEKNDVVVHTGEKVVRLEGENGKVARVIT
DKRTLDADLVILAAGVSPNTQLARDAGLELDPRGAIIVDTRMRTSDPDIFAGGDCVTIPNLVTGKPGFFPLGSMANRQGR
VIGTNLADGDATFPGAVGSWAVKLFEGSASGAGLTVEGALREGYDAVNVHVEQFDRAHFYPEKTIMTLQLVVDRPTRRVL
GIQGFSTLGDALTARINAVATMLASKPTVEDISNAEVVYSPPFASAMDIVNVAGNVADNVLAGREGHHHHHH
;
_entity_poly.pdbx_strand_id   A
#
loop_
_chem_comp.id
_chem_comp.type
_chem_comp.name
_chem_comp.formula
CA non-polymer 'CALCIUM ION' 'Ca 2'
#
# COMPACT_ATOMS: atom_id res chain seq x y z
N LYS A 4 12.63 12.33 -28.06
CA LYS A 4 11.41 12.09 -27.20
C LYS A 4 11.16 13.13 -26.13
N HIS A 5 9.91 13.57 -26.08
CA HIS A 5 9.42 14.26 -24.88
CA HIS A 5 9.40 14.28 -24.92
C HIS A 5 8.53 13.29 -24.12
N VAL A 6 8.83 13.13 -22.85
CA VAL A 6 8.00 12.34 -22.01
C VAL A 6 7.47 13.25 -20.92
N VAL A 7 6.17 13.15 -20.67
CA VAL A 7 5.54 13.87 -19.59
C VAL A 7 5.17 12.87 -18.47
N VAL A 8 5.46 13.22 -17.24
CA VAL A 8 5.19 12.39 -16.09
C VAL A 8 4.27 13.17 -15.16
N ILE A 9 3.11 12.61 -14.83
CA ILE A 9 2.16 13.24 -13.94
C ILE A 9 2.11 12.58 -12.59
N GLY A 10 2.55 13.32 -11.59
CA GLY A 10 2.57 12.89 -10.21
C GLY A 10 4.02 12.78 -9.78
N ALA A 11 4.31 13.24 -8.58
CA ALA A 11 5.61 12.98 -7.98
C ALA A 11 5.35 12.11 -6.75
N VAL A 12 5.66 10.82 -6.88
CA VAL A 12 5.46 9.87 -5.81
C VAL A 12 6.87 9.38 -5.48
N ALA A 13 7.06 8.08 -5.46
CA ALA A 13 8.35 7.51 -5.72
C ALA A 13 8.34 7.24 -7.21
N LEU A 14 7.23 6.73 -7.72
CA LEU A 14 7.21 6.16 -9.04
C LEU A 14 7.62 7.12 -10.18
N GLY A 15 7.11 8.34 -10.18
CA GLY A 15 7.43 9.33 -11.22
C GLY A 15 8.91 9.61 -11.37
N PRO A 16 9.55 10.14 -10.30
CA PRO A 16 11.01 10.36 -10.27
C PRO A 16 11.81 9.13 -10.67
N LYS A 17 11.40 7.95 -10.19
CA LYS A 17 12.11 6.72 -10.56
C LYS A 17 12.03 6.47 -12.05
N ALA A 18 10.85 6.54 -12.61
CA ALA A 18 10.68 6.26 -14.02
C ALA A 18 11.52 7.23 -14.88
N ALA A 19 11.54 8.49 -14.49
CA ALA A 19 12.16 9.54 -15.26
C ALA A 19 13.67 9.41 -15.17
N CYS A 20 14.20 9.21 -13.96
CA CYS A 20 15.63 9.03 -13.77
CA CYS A 20 15.64 9.04 -13.79
C CYS A 20 16.17 7.80 -14.51
N ARG A 21 15.43 6.70 -14.48
CA ARG A 21 15.84 5.52 -15.24
C ARG A 21 15.76 5.81 -16.75
N PHE A 22 14.70 6.50 -17.15
CA PHE A 22 14.54 6.88 -18.55
C PHE A 22 15.76 7.64 -19.08
N LYS A 23 16.10 8.68 -18.32
CA LYS A 23 17.21 9.58 -18.63
C LYS A 23 18.56 8.86 -18.66
N ARG A 24 18.80 7.93 -17.74
CA ARG A 24 20.08 7.22 -17.77
C ARG A 24 20.22 6.52 -19.13
N LEU A 25 19.14 5.92 -19.62
CA LEU A 25 19.14 5.21 -20.91
C LEU A 25 19.05 6.09 -22.19
N ASP A 26 18.30 7.19 -22.11
CA ASP A 26 18.11 8.10 -23.24
C ASP A 26 18.38 9.54 -22.80
N PRO A 27 19.66 9.93 -22.65
CA PRO A 27 19.98 11.26 -22.11
C PRO A 27 19.63 12.44 -23.03
N GLU A 28 19.37 12.11 -24.29
CA GLU A 28 19.08 13.09 -25.32
C GLU A 28 17.60 13.50 -25.30
N ALA A 29 16.78 12.75 -24.57
CA ALA A 29 15.33 13.02 -24.46
C ALA A 29 15.01 14.08 -23.41
N HIS A 30 13.79 14.56 -23.46
CA HIS A 30 13.33 15.58 -22.52
CA HIS A 30 13.34 15.58 -22.53
C HIS A 30 12.20 15.01 -21.69
N VAL A 31 12.17 15.40 -20.42
CA VAL A 31 11.12 14.99 -19.51
C VAL A 31 10.59 16.20 -18.78
N THR A 32 9.26 16.26 -18.69
CA THR A 32 8.59 17.24 -17.85
C THR A 32 7.78 16.46 -16.81
N MET A 33 7.96 16.84 -15.56
CA MET A 33 7.27 16.23 -14.44
C MET A 33 6.35 17.27 -13.82
N ILE A 34 5.12 16.88 -13.55
CA ILE A 34 4.11 17.73 -12.99
C ILE A 34 3.77 17.13 -11.66
N ASP A 35 3.68 17.94 -10.62
CA ASP A 35 3.42 17.39 -9.32
C ASP A 35 1.93 17.04 -9.05
N GLN A 36 1.02 17.48 -9.93
CA GLN A 36 -0.42 17.19 -9.80
C GLN A 36 -1.02 17.56 -8.41
N ALA A 37 -0.66 18.74 -7.94
CA ALA A 37 -0.98 19.22 -6.59
C ALA A 37 -2.49 19.41 -6.33
N VAL A 81 15.42 17.52 -16.68
CA VAL A 81 14.14 17.28 -16.02
C VAL A 81 13.43 18.59 -15.66
N GLU A 82 12.46 18.97 -16.48
CA GLU A 82 11.63 20.17 -16.31
C GLU A 82 10.55 19.86 -15.25
N ALA A 83 10.72 20.38 -14.03
CA ALA A 83 9.84 20.05 -12.90
C ALA A 83 8.89 21.18 -12.54
N LEU A 84 7.61 21.01 -12.85
CA LEU A 84 6.59 22.03 -12.58
C LEU A 84 5.86 21.69 -11.31
N VAL A 85 6.09 22.47 -10.27
CA VAL A 85 5.37 22.31 -9.00
C VAL A 85 4.06 23.12 -8.96
N GLU A 86 3.26 22.84 -7.94
CA GLU A 86 1.92 23.43 -7.80
C GLU A 86 1.18 23.54 -9.15
N THR A 87 1.26 22.46 -9.93
CA THR A 87 0.71 22.40 -11.30
C THR A 87 -0.16 21.16 -11.45
N ARG A 88 -1.31 21.31 -12.10
CA ARG A 88 -2.25 20.22 -12.32
C ARG A 88 -2.49 19.90 -13.77
N ALA A 89 -2.51 18.62 -14.12
CA ALA A 89 -3.00 18.22 -15.43
C ALA A 89 -4.51 18.29 -15.34
N HIS A 90 -5.13 18.89 -16.36
CA HIS A 90 -6.58 19.09 -16.38
C HIS A 90 -7.22 18.05 -17.26
N ALA A 91 -6.56 17.72 -18.36
CA ALA A 91 -7.11 16.76 -19.30
C ALA A 91 -6.01 16.16 -20.14
N ILE A 92 -6.25 14.95 -20.62
CA ILE A 92 -5.35 14.29 -21.53
C ILE A 92 -6.05 14.10 -22.86
N ASP A 93 -5.42 14.53 -23.94
CA ASP A 93 -5.94 14.23 -25.28
C ASP A 93 -5.00 13.22 -25.89
N ARG A 94 -5.47 11.99 -25.93
CA ARG A 94 -4.68 10.85 -26.38
CA ARG A 94 -4.70 10.84 -26.37
C ARG A 94 -4.39 10.87 -27.87
N ALA A 95 -5.41 11.16 -28.69
CA ALA A 95 -5.22 11.22 -30.15
C ALA A 95 -4.18 12.29 -30.53
N ALA A 96 -4.30 13.46 -29.90
CA ALA A 96 -3.38 14.59 -30.11
C ALA A 96 -2.06 14.55 -29.33
N HIS A 97 -1.93 13.62 -28.38
CA HIS A 97 -0.75 13.51 -27.51
C HIS A 97 -0.44 14.85 -26.82
N THR A 98 -1.43 15.37 -26.12
CA THR A 98 -1.30 16.63 -25.41
C THR A 98 -1.90 16.50 -24.01
N VAL A 99 -1.31 17.24 -23.07
CA VAL A 99 -1.84 17.37 -21.72
C VAL A 99 -2.00 18.86 -21.44
N GLU A 100 -3.21 19.30 -21.10
CA GLU A 100 -3.43 20.69 -20.68
C GLU A 100 -3.15 20.80 -19.18
N ILE A 101 -2.32 21.74 -18.81
CA ILE A 101 -1.95 21.89 -17.40
C ILE A 101 -2.31 23.30 -16.93
N GLU A 102 -2.50 23.44 -15.62
CA GLU A 102 -2.72 24.75 -15.01
C GLU A 102 -1.96 24.89 -13.70
N ASN A 103 -1.13 25.93 -13.65
CA ASN A 103 -0.48 26.38 -12.42
C ASN A 103 -1.57 26.91 -11.48
N LEU A 104 -1.63 26.39 -10.26
CA LEU A 104 -2.77 26.65 -9.35
C LEU A 104 -2.71 28.01 -8.62
N ARG A 105 -1.53 28.62 -8.61
CA ARG A 105 -1.28 29.91 -7.94
C ARG A 105 -1.54 31.10 -8.86
N THR A 106 -0.93 31.05 -10.04
CA THR A 106 -1.02 32.11 -11.04
C THR A 106 -2.18 31.90 -12.04
N GLY A 107 -2.65 30.67 -12.19
CA GLY A 107 -3.73 30.36 -13.13
C GLY A 107 -3.28 30.22 -14.57
N GLU A 108 -2.01 30.49 -14.84
CA GLU A 108 -1.46 30.35 -16.19
C GLU A 108 -1.68 28.91 -16.70
N ARG A 109 -2.28 28.77 -17.87
CA ARG A 109 -2.59 27.48 -18.45
C ARG A 109 -1.68 27.18 -19.63
N ARG A 110 -1.26 25.93 -19.74
CA ARG A 110 -0.32 25.51 -20.78
C ARG A 110 -0.68 24.16 -21.34
N THR A 111 -0.31 23.92 -22.60
CA THR A 111 -0.57 22.66 -23.29
C THR A 111 0.77 22.02 -23.62
N LEU A 112 1.10 20.95 -22.90
CA LEU A 112 2.33 20.21 -23.10
C LEU A 112 2.08 19.18 -24.18
N LYS A 113 3.08 18.91 -25.00
CA LYS A 113 3.00 17.83 -25.98
C LYS A 113 3.90 16.65 -25.55
N TYR A 114 3.45 15.44 -25.85
CA TYR A 114 4.21 14.29 -25.40
C TYR A 114 4.31 13.23 -26.47
N ASP A 115 5.41 12.49 -26.41
CA ASP A 115 5.58 11.23 -27.13
C ASP A 115 5.13 10.06 -26.26
N LYS A 116 5.42 10.14 -24.95
CA LYS A 116 5.00 9.13 -24.01
C LYS A 116 4.58 9.83 -22.74
N LEU A 117 3.57 9.31 -22.08
CA LEU A 117 3.08 9.82 -20.80
C LEU A 117 3.19 8.77 -19.68
N VAL A 118 3.55 9.21 -18.49
CA VAL A 118 3.49 8.34 -17.34
C VAL A 118 2.51 8.90 -16.30
N LEU A 119 1.51 8.09 -15.93
CA LEU A 119 0.58 8.41 -14.89
C LEU A 119 0.98 7.82 -13.54
N ALA A 120 1.42 8.66 -12.63
CA ALA A 120 1.76 8.27 -11.28
C ALA A 120 0.83 9.01 -10.35
N LEU A 121 -0.45 8.70 -10.43
CA LEU A 121 -1.47 9.50 -9.84
C LEU A 121 -1.74 9.21 -8.39
N GLY A 122 -1.19 8.11 -7.85
CA GLY A 122 -1.38 7.80 -6.43
C GLY A 122 -2.82 7.46 -6.08
N SER A 123 -3.15 7.56 -4.82
CA SER A 123 -4.47 7.20 -4.35
C SER A 123 -5.02 8.31 -3.47
N LYS A 124 -6.27 8.16 -3.03
CA LYS A 124 -6.93 9.08 -2.09
C LYS A 124 -7.48 8.24 -0.96
N ALA A 125 -7.45 8.83 0.24
CA ALA A 125 -7.97 8.22 1.45
C ALA A 125 -9.48 7.99 1.32
N ASN A 126 -9.91 6.78 1.69
CA ASN A 126 -11.33 6.51 1.85
C ASN A 126 -11.84 7.32 3.07
N ARG A 127 -12.94 8.03 2.86
CA ARG A 127 -13.48 8.93 3.88
C ARG A 127 -14.89 8.47 4.20
N PRO A 128 -15.16 8.09 5.46
CA PRO A 128 -16.51 7.72 5.88
C PRO A 128 -17.49 8.86 5.63
N PRO A 129 -18.70 8.55 5.12
CA PRO A 129 -19.70 9.60 4.81
C PRO A 129 -20.39 10.08 6.08
N VAL A 130 -19.59 10.75 6.91
CA VAL A 130 -19.97 11.19 8.23
C VAL A 130 -19.62 12.66 8.39
N GLU A 131 -20.27 13.26 9.37
CA GLU A 131 -20.19 14.68 9.68
C GLU A 131 -18.81 15.02 10.27
N GLY A 132 -18.25 16.14 9.85
CA GLY A 132 -17.00 16.63 10.45
C GLY A 132 -15.74 16.13 9.77
N MET A 133 -15.89 15.40 8.68
CA MET A 133 -14.73 14.92 7.91
C MET A 133 -14.03 16.06 7.14
N ASP A 134 -14.43 17.30 7.44
CA ASP A 134 -13.87 18.52 6.82
C ASP A 134 -13.11 19.40 7.81
N LEU A 135 -12.98 18.96 9.05
CA LEU A 135 -12.37 19.80 10.08
C LEU A 135 -10.86 19.82 9.92
N ALA A 136 -10.26 20.89 10.38
CA ALA A 136 -8.80 20.97 10.42
C ALA A 136 -8.37 19.95 11.46
N GLY A 137 -7.22 19.30 11.24
CA GLY A 137 -6.73 18.23 12.14
C GLY A 137 -7.07 16.81 11.70
N VAL A 138 -7.88 16.67 10.65
CA VAL A 138 -8.26 15.37 10.11
C VAL A 138 -7.37 15.10 8.89
N THR A 139 -6.42 14.19 9.07
CA THR A 139 -5.34 14.06 8.11
C THR A 139 -5.30 12.71 7.43
N PRO A 140 -5.58 12.68 6.11
CA PRO A 140 -5.47 11.45 5.34
C PRO A 140 -4.01 11.09 5.24
N VAL A 141 -3.69 9.80 5.34
CA VAL A 141 -2.34 9.32 5.05
C VAL A 141 -2.45 8.06 4.19
N THR A 142 -2.11 8.18 2.90
CA THR A 142 -2.34 7.11 1.91
C THR A 142 -1.09 6.28 1.57
N ASN A 143 0.06 6.72 2.06
CA ASN A 143 1.31 6.04 1.77
C ASN A 143 2.37 6.39 2.81
N LEU A 144 3.44 5.58 2.82
CA LEU A 144 4.50 5.68 3.80
C LEU A 144 5.27 6.99 3.75
N ASP A 145 5.37 7.57 2.55
CA ASP A 145 5.99 8.89 2.39
C ASP A 145 5.17 9.94 3.08
N GLU A 146 3.85 9.85 2.89
CA GLU A 146 2.92 10.77 3.54
C GLU A 146 3.02 10.61 5.07
N ALA A 147 3.15 9.35 5.51
CA ALA A 147 3.29 9.01 6.92
C ALA A 147 4.50 9.72 7.54
N GLU A 148 5.64 9.58 6.88
CA GLU A 148 6.89 10.23 7.29
C GLU A 148 6.76 11.77 7.34
N PHE A 149 6.10 12.35 6.33
CA PHE A 149 5.79 13.79 6.32
C PHE A 149 5.04 14.24 7.58
N VAL A 150 3.90 13.62 7.85
CA VAL A 150 3.09 13.98 9.05
C VAL A 150 3.95 13.85 10.32
N GLN A 151 4.68 12.74 10.44
CA GLN A 151 5.52 12.47 11.63
C GLN A 151 6.55 13.55 11.90
N HIS A 152 7.18 14.06 10.83
CA HIS A 152 8.23 15.10 10.95
C HIS A 152 7.68 16.53 10.90
N ALA A 153 6.38 16.70 10.67
CA ALA A 153 5.74 18.04 10.70
C ALA A 153 5.24 18.38 12.11
N ILE A 154 5.05 17.33 12.93
CA ILE A 154 4.74 17.48 14.34
C ILE A 154 6.05 17.73 15.12
N SER A 155 5.91 18.48 16.21
CA SER A 155 7.01 18.73 17.14
C SER A 155 6.47 18.71 18.57
N ALA A 156 7.40 18.73 19.52
CA ALA A 156 7.12 18.60 20.96
C ALA A 156 5.97 19.53 21.39
N GLY A 157 4.98 18.95 22.08
CA GLY A 157 3.92 19.71 22.72
C GLY A 157 2.81 20.21 21.81
N GLU A 158 2.83 19.83 20.53
CA GLU A 158 1.83 20.29 19.55
C GLU A 158 0.51 19.51 19.61
N VAL A 159 0.62 18.19 19.78
CA VAL A 159 -0.52 17.28 19.75
C VAL A 159 -0.66 16.61 21.13
N SER A 160 -1.90 16.54 21.62
CA SER A 160 -2.16 15.95 22.92
C SER A 160 -2.80 14.59 22.70
N LYS A 161 -3.85 14.56 21.87
CA LYS A 161 -4.51 13.30 21.57
C LYS A 161 -4.66 13.01 20.08
N ALA A 162 -4.21 11.81 19.69
CA ALA A 162 -4.34 11.30 18.33
C ALA A 162 -5.27 10.09 18.31
N VAL A 163 -6.25 10.13 17.41
CA VAL A 163 -7.01 8.94 17.10
C VAL A 163 -6.72 8.47 15.66
N ILE A 164 -6.33 7.20 15.50
CA ILE A 164 -6.05 6.65 14.19
C ILE A 164 -7.25 5.83 13.76
N VAL A 165 -7.87 6.22 12.65
CA VAL A 165 -8.99 5.51 12.08
C VAL A 165 -8.48 4.53 11.02
N GLY A 166 -8.45 3.25 11.40
CA GLY A 166 -7.86 2.18 10.59
C GLY A 166 -6.66 1.53 11.26
N GLY A 167 -6.69 0.20 11.44
CA GLY A 167 -5.58 -0.56 12.04
C GLY A 167 -4.86 -1.43 11.02
N GLY A 168 -4.63 -0.87 9.84
CA GLY A 168 -3.83 -1.51 8.80
C GLY A 168 -2.38 -1.11 8.88
N PHE A 169 -1.63 -1.36 7.80
CA PHE A 169 -0.20 -1.13 7.77
C PHE A 169 0.10 0.34 8.14
N ILE A 170 -0.57 1.26 7.48
CA ILE A 170 -0.38 2.69 7.72
C ILE A 170 -0.81 3.08 9.15
N GLY A 171 -2.02 2.72 9.53
CA GLY A 171 -2.50 3.03 10.87
C GLY A 171 -1.53 2.58 11.97
N LEU A 172 -1.06 1.35 11.88
CA LEU A 172 -0.26 0.82 12.96
C LEU A 172 1.09 1.49 12.99
N GLU A 173 1.70 1.71 11.83
CA GLU A 173 2.99 2.43 11.79
C GLU A 173 2.87 3.84 12.39
N MET A 174 1.75 4.52 12.09
CA MET A 174 1.51 5.85 12.63
C MET A 174 1.29 5.76 14.15
N ALA A 175 0.52 4.75 14.60
CA ALA A 175 0.28 4.58 16.05
C ALA A 175 1.60 4.59 16.81
N VAL A 176 2.50 3.74 16.33
CA VAL A 176 3.80 3.50 16.93
C VAL A 176 4.66 4.77 16.88
N SER A 177 4.74 5.41 15.73
CA SER A 177 5.53 6.64 15.59
C SER A 177 5.08 7.74 16.51
N LEU A 178 3.77 7.99 16.54
CA LEU A 178 3.24 9.07 17.35
C LEU A 178 3.50 8.79 18.83
N ALA A 179 3.23 7.58 19.29
CA ALA A 179 3.47 7.27 20.71
C ALA A 179 4.96 7.24 21.04
N ASP A 180 5.79 6.80 20.12
CA ASP A 180 7.21 6.56 20.42
C ASP A 180 8.14 7.75 20.16
N MET A 181 7.94 8.47 19.07
CA MET A 181 8.77 9.64 18.77
C MET A 181 8.33 10.80 19.64
N TRP A 182 7.03 10.91 19.89
CA TRP A 182 6.51 12.12 20.48
C TRP A 182 5.73 11.97 21.77
N GLY A 183 5.55 10.75 22.27
CA GLY A 183 4.74 10.54 23.49
C GLY A 183 3.26 11.00 23.41
N ILE A 184 2.71 10.99 22.21
CA ILE A 184 1.33 11.36 21.98
C ILE A 184 0.43 10.23 22.45
N ASP A 185 -0.59 10.59 23.22
CA ASP A 185 -1.68 9.66 23.57
C ASP A 185 -2.45 9.19 22.33
N THR A 186 -2.33 7.90 22.06
CA THR A 186 -2.72 7.35 20.77
C THR A 186 -3.69 6.20 20.92
N THR A 187 -4.77 6.27 20.13
CA THR A 187 -5.81 5.24 20.09
C THR A 187 -6.07 4.83 18.64
N VAL A 188 -6.15 3.53 18.40
CA VAL A 188 -6.50 3.01 17.07
C VAL A 188 -7.91 2.53 17.15
N VAL A 189 -8.73 2.92 16.18
CA VAL A 189 -10.10 2.47 16.06
C VAL A 189 -10.29 1.77 14.71
N GLU A 190 -10.70 0.51 14.77
CA GLU A 190 -10.83 -0.35 13.60
C GLU A 190 -12.24 -0.93 13.54
N LEU A 191 -12.83 -0.79 12.38
CA LEU A 191 -14.13 -1.33 12.08
C LEU A 191 -14.16 -2.88 12.09
N ALA A 192 -13.18 -3.52 11.45
CA ALA A 192 -13.13 -4.99 11.41
C ALA A 192 -12.89 -5.55 12.82
N ASP A 193 -13.24 -6.80 13.03
CA ASP A 193 -13.05 -7.42 14.36
C ASP A 193 -11.59 -7.71 14.72
N GLN A 194 -10.66 -7.27 13.88
CA GLN A 194 -9.26 -7.42 14.17
C GLN A 194 -8.49 -6.26 13.54
N ILE A 195 -7.34 -5.92 14.11
CA ILE A 195 -6.38 -5.08 13.44
C ILE A 195 -5.66 -5.92 12.38
N MET A 196 -4.99 -5.21 11.46
CA MET A 196 -4.38 -5.79 10.26
C MET A 196 -5.25 -6.77 9.44
N PRO A 197 -6.54 -6.44 9.24
CA PRO A 197 -7.37 -7.38 8.51
C PRO A 197 -6.87 -7.58 7.08
N GLY A 198 -6.80 -8.83 6.65
CA GLY A 198 -6.28 -9.15 5.32
C GLY A 198 -4.76 -9.28 5.24
N PHE A 199 -4.04 -8.89 6.29
CA PHE A 199 -2.58 -9.03 6.34
C PHE A 199 -2.10 -10.12 7.32
N THR A 200 -2.67 -10.19 8.53
CA THR A 200 -2.48 -11.33 9.42
C THR A 200 -3.81 -12.00 9.71
N SER A 201 -3.78 -13.26 10.15
CA SER A 201 -5.00 -13.92 10.68
C SER A 201 -5.48 -13.24 11.97
N LYS A 202 -6.70 -13.53 12.39
CA LYS A 202 -7.24 -13.06 13.68
C LYS A 202 -6.35 -13.49 14.86
N SER A 203 -5.97 -14.76 14.88
CA SER A 203 -5.12 -15.32 15.94
C SER A 203 -3.75 -14.61 16.03
N LEU A 204 -3.14 -14.38 14.86
CA LEU A 204 -1.86 -13.68 14.83
C LEU A 204 -2.00 -12.18 15.17
N SER A 205 -3.09 -11.57 14.74
CA SER A 205 -3.28 -10.16 15.02
C SER A 205 -3.25 -9.84 16.50
N GLN A 206 -3.63 -10.78 17.37
CA GLN A 206 -3.65 -10.53 18.82
C GLN A 206 -2.24 -10.30 19.35
N MET A 207 -1.28 -11.01 18.79
CA MET A 207 0.09 -10.77 19.15
C MET A 207 0.44 -9.31 18.83
N LEU A 208 0.06 -8.83 17.66
CA LEU A 208 0.39 -7.46 17.30
C LEU A 208 -0.41 -6.51 18.18
N ARG A 209 -1.67 -6.84 18.44
CA ARG A 209 -2.52 -6.02 19.31
C ARG A 209 -1.87 -5.82 20.67
N HIS A 210 -1.28 -6.89 21.24
CA HIS A 210 -0.70 -6.83 22.58
C HIS A 210 0.51 -5.94 22.58
N ASP A 211 1.34 -6.07 21.55
CA ASP A 211 2.48 -5.20 21.43
C ASP A 211 2.01 -3.76 21.55
N LEU A 212 0.89 -3.40 20.90
CA LEU A 212 0.41 -2.02 20.97
C LEU A 212 -0.12 -1.65 22.38
N GLU A 213 -0.97 -2.49 22.94
CA GLU A 213 -1.61 -2.20 24.20
C GLU A 213 -0.65 -2.14 25.39
N LYS A 214 0.42 -2.90 25.33
CA LYS A 214 1.35 -2.93 26.44
C LYS A 214 2.33 -1.75 26.36
N ASN A 215 2.37 -1.10 25.21
CA ASN A 215 3.12 0.15 25.08
C ASN A 215 2.15 1.35 24.99
N ASP A 216 0.99 1.21 25.62
CA ASP A 216 0.05 2.32 25.88
C ASP A 216 -0.80 2.79 24.71
N VAL A 217 -0.74 2.11 23.57
CA VAL A 217 -1.68 2.39 22.51
C VAL A 217 -2.96 1.64 22.85
N VAL A 218 -4.06 2.36 22.95
CA VAL A 218 -5.35 1.72 23.13
C VAL A 218 -5.87 1.31 21.76
N VAL A 219 -6.47 0.12 21.70
CA VAL A 219 -7.04 -0.41 20.46
C VAL A 219 -8.52 -0.77 20.58
N HIS A 220 -9.34 -0.28 19.67
CA HIS A 220 -10.73 -0.68 19.64
C HIS A 220 -11.00 -1.28 18.30
N THR A 221 -11.52 -2.51 18.32
CA THR A 221 -11.98 -3.23 17.14
C THR A 221 -13.51 -3.42 17.15
N GLY A 222 -14.06 -3.86 16.03
CA GLY A 222 -15.48 -3.91 15.88
C GLY A 222 -16.16 -2.60 16.24
N GLU A 223 -15.53 -1.47 15.88
CA GLU A 223 -15.98 -0.15 16.31
C GLU A 223 -16.00 0.85 15.15
N LYS A 224 -17.15 1.50 14.98
CA LYS A 224 -17.43 2.34 13.81
C LYS A 224 -17.39 3.82 14.17
N VAL A 225 -16.87 4.64 13.26
CA VAL A 225 -16.83 6.08 13.46
C VAL A 225 -18.20 6.61 13.01
N VAL A 226 -18.85 7.33 13.92
CA VAL A 226 -20.18 7.86 13.68
C VAL A 226 -20.17 9.34 13.27
N ARG A 227 -19.32 10.13 13.92
CA ARG A 227 -19.07 11.48 13.49
C ARG A 227 -17.84 12.06 14.21
N LEU A 228 -17.26 13.10 13.61
CA LEU A 228 -16.24 13.92 14.25
C LEU A 228 -16.86 15.25 14.73
N GLU A 229 -16.49 15.65 15.93
CA GLU A 229 -16.94 16.89 16.55
C GLU A 229 -15.79 17.86 16.72
N GLY A 230 -16.09 19.15 16.45
CA GLY A 230 -15.08 20.20 16.40
C GLY A 230 -15.34 21.46 17.22
N GLU A 231 -14.25 22.20 17.48
CA GLU A 231 -14.29 23.45 18.26
C GLU A 231 -13.92 24.74 17.52
N ASN A 232 -12.81 24.79 16.78
CA ASN A 232 -12.55 26.03 16.02
C ASN A 232 -12.80 25.87 14.53
N GLY A 233 -13.66 24.94 14.13
CA GLY A 233 -13.51 24.31 12.82
C GLY A 233 -12.27 23.38 12.80
N LYS A 234 -11.78 23.05 14.01
CA LYS A 234 -10.72 22.08 14.26
C LYS A 234 -11.30 20.88 15.04
N VAL A 235 -10.91 19.66 14.65
CA VAL A 235 -11.41 18.46 15.33
C VAL A 235 -11.05 18.48 16.80
N ALA A 236 -11.98 18.06 17.63
CA ALA A 236 -11.77 17.94 19.07
C ALA A 236 -12.23 16.58 19.63
N ARG A 237 -13.17 15.93 18.96
CA ARG A 237 -13.71 14.66 19.44
C ARG A 237 -14.07 13.71 18.29
N VAL A 238 -13.79 12.43 18.48
CA VAL A 238 -14.32 11.38 17.59
C VAL A 238 -15.42 10.61 18.31
N ILE A 239 -16.59 10.54 17.70
CA ILE A 239 -17.70 9.77 18.31
C ILE A 239 -17.80 8.49 17.56
N THR A 240 -17.67 7.39 18.27
CA THR A 240 -17.89 6.08 17.70
C THR A 240 -19.27 5.61 18.11
N ASP A 241 -19.68 4.44 17.61
CA ASP A 241 -20.95 3.82 18.05
C ASP A 241 -20.86 3.23 19.46
N LYS A 242 -19.69 3.33 20.09
CA LYS A 242 -19.49 2.79 21.42
C LYS A 242 -18.95 3.79 22.46
N ARG A 243 -18.40 4.92 22.01
CA ARG A 243 -17.80 5.87 22.95
C ARG A 243 -17.52 7.22 22.29
N THR A 244 -17.05 8.14 23.12
CA THR A 244 -16.56 9.45 22.70
C THR A 244 -15.06 9.53 23.06
N LEU A 245 -14.24 9.88 22.07
CA LEU A 245 -12.79 10.02 22.27
C LEU A 245 -12.41 11.45 21.98
N ASP A 246 -11.61 12.03 22.86
CA ASP A 246 -11.01 13.33 22.56
C ASP A 246 -9.85 13.14 21.58
N ALA A 247 -9.84 13.93 20.51
CA ALA A 247 -8.72 13.97 19.59
C ALA A 247 -8.54 15.35 19.01
N ASP A 248 -7.33 15.89 19.11
CA ASP A 248 -6.96 17.08 18.35
C ASP A 248 -6.26 16.72 17.04
N LEU A 249 -5.90 15.46 16.88
CA LEU A 249 -5.40 14.93 15.58
C LEU A 249 -6.12 13.61 15.30
N VAL A 250 -6.67 13.50 14.10
CA VAL A 250 -7.30 12.30 13.61
C VAL A 250 -6.65 11.89 12.28
N ILE A 251 -6.07 10.69 12.27
CA ILE A 251 -5.41 10.15 11.10
C ILE A 251 -6.38 9.23 10.37
N LEU A 252 -6.66 9.51 9.11
CA LEU A 252 -7.44 8.63 8.26
C LEU A 252 -6.49 7.65 7.54
N ALA A 253 -6.59 6.38 7.93
CA ALA A 253 -5.75 5.29 7.45
C ALA A 253 -6.65 4.09 7.28
N ALA A 254 -7.76 4.30 6.59
CA ALA A 254 -8.77 3.26 6.47
C ALA A 254 -8.87 2.79 5.04
N GLY A 255 -7.75 2.80 4.32
CA GLY A 255 -7.75 2.29 2.96
C GLY A 255 -8.00 3.39 1.92
N VAL A 256 -7.69 3.06 0.67
CA VAL A 256 -7.51 4.06 -0.36
C VAL A 256 -8.23 3.65 -1.62
N SER A 257 -8.50 4.65 -2.46
CA SER A 257 -9.02 4.41 -3.80
C SER A 257 -8.08 5.05 -4.78
N PRO A 258 -7.96 4.47 -5.98
CA PRO A 258 -7.07 5.04 -6.97
C PRO A 258 -7.53 6.45 -7.36
N ASN A 259 -6.58 7.38 -7.41
CA ASN A 259 -6.84 8.78 -7.76
C ASN A 259 -6.87 9.00 -9.29
N THR A 260 -7.83 8.38 -9.97
CA THR A 260 -7.80 8.17 -11.44
C THR A 260 -8.82 8.98 -12.33
N GLN A 261 -9.42 10.04 -11.77
CA GLN A 261 -10.35 10.86 -12.57
C GLN A 261 -9.80 11.27 -13.94
N LEU A 262 -8.55 11.70 -13.96
CA LEU A 262 -7.83 12.07 -15.18
C LEU A 262 -7.70 10.91 -16.17
N ALA A 263 -7.48 9.70 -15.70
CA ALA A 263 -7.46 8.54 -16.60
C ALA A 263 -8.85 8.25 -17.12
N ARG A 264 -9.83 8.36 -16.22
CA ARG A 264 -11.23 8.11 -16.57
C ARG A 264 -11.70 9.07 -17.68
N ASP A 265 -11.48 10.36 -17.47
CA ASP A 265 -11.85 11.38 -18.46
C ASP A 265 -11.15 11.16 -19.81
N ALA A 266 -9.94 10.61 -19.77
CA ALA A 266 -9.15 10.39 -20.98
C ALA A 266 -9.62 9.17 -21.75
N GLY A 267 -10.39 8.29 -21.12
CA GLY A 267 -10.93 7.08 -21.78
C GLY A 267 -10.11 5.82 -21.56
N LEU A 268 -9.25 5.86 -20.54
CA LEU A 268 -8.40 4.72 -20.28
C LEU A 268 -9.23 3.62 -19.59
N GLU A 269 -8.92 2.39 -19.94
CA GLU A 269 -9.55 1.23 -19.32
C GLU A 269 -9.20 1.14 -17.84
N LEU A 270 -10.25 1.10 -17.04
CA LEU A 270 -10.18 1.13 -15.60
C LEU A 270 -10.99 -0.07 -15.13
N ASP A 271 -10.64 -0.61 -13.95
CA ASP A 271 -11.41 -1.69 -13.34
C ASP A 271 -12.57 -1.08 -12.53
N PRO A 272 -13.49 -1.93 -12.02
CA PRO A 272 -14.67 -1.48 -11.24
C PRO A 272 -14.35 -0.60 -10.03
N ARG A 273 -13.16 -0.79 -9.49
CA ARG A 273 -12.63 -0.02 -8.37
C ARG A 273 -12.07 1.36 -8.83
N GLY A 274 -11.93 1.54 -10.15
CA GLY A 274 -11.29 2.72 -10.76
C GLY A 274 -9.77 2.60 -10.97
N ALA A 275 -9.21 1.41 -10.74
CA ALA A 275 -7.77 1.22 -10.89
C ALA A 275 -7.46 1.11 -12.38
N ILE A 276 -6.42 1.81 -12.83
CA ILE A 276 -5.98 1.75 -14.23
C ILE A 276 -5.45 0.35 -14.55
N ILE A 277 -5.94 -0.23 -15.65
CA ILE A 277 -5.57 -1.57 -16.04
C ILE A 277 -4.34 -1.45 -16.91
N VAL A 278 -3.27 -2.14 -16.52
CA VAL A 278 -2.03 -2.16 -17.29
C VAL A 278 -1.58 -3.58 -17.65
N ASP A 279 -0.84 -3.70 -18.75
CA ASP A 279 -0.21 -4.96 -19.08
C ASP A 279 1.10 -5.10 -18.30
N THR A 280 1.85 -6.16 -18.55
CA THR A 280 3.01 -6.44 -17.74
C THR A 280 4.16 -5.51 -18.08
N ARG A 281 4.06 -4.79 -19.18
CA ARG A 281 5.05 -3.74 -19.51
C ARG A 281 4.71 -2.39 -18.82
N MET A 282 3.62 -2.41 -18.04
CA MET A 282 3.04 -1.27 -17.36
C MET A 282 2.34 -0.26 -18.29
N ARG A 283 1.95 -0.72 -19.48
CA ARG A 283 1.19 0.07 -20.45
C ARG A 283 -0.30 0.01 -20.17
N THR A 284 -0.96 1.16 -20.21
CA THR A 284 -2.42 1.23 -20.11
C THR A 284 -3.08 0.76 -21.41
N SER A 285 -4.38 0.93 -21.56
CA SER A 285 -5.04 0.65 -22.86
C SER A 285 -4.54 1.55 -24.01
N ASP A 286 -3.84 2.63 -23.69
CA ASP A 286 -3.15 3.47 -24.69
C ASP A 286 -1.66 3.15 -24.65
N PRO A 287 -1.10 2.61 -25.76
CA PRO A 287 0.27 2.09 -25.73
C PRO A 287 1.35 3.13 -25.51
N ASP A 288 1.01 4.42 -25.61
CA ASP A 288 1.96 5.50 -25.32
C ASP A 288 1.84 6.02 -23.88
N ILE A 289 0.93 5.43 -23.13
CA ILE A 289 0.69 5.87 -21.76
C ILE A 289 0.92 4.73 -20.78
N PHE A 290 1.85 4.95 -19.85
CA PHE A 290 2.18 4.00 -18.80
C PHE A 290 1.56 4.51 -17.51
N ALA A 291 1.39 3.60 -16.53
CA ALA A 291 0.84 3.87 -15.22
C ALA A 291 1.44 2.86 -14.24
N GLY A 292 1.64 3.29 -13.01
CA GLY A 292 2.02 2.37 -11.94
C GLY A 292 1.70 2.92 -10.56
N GLY A 293 2.07 2.16 -9.53
CA GLY A 293 1.97 2.60 -8.14
C GLY A 293 0.57 2.28 -7.65
N ASP A 294 0.03 3.13 -6.80
CA ASP A 294 -1.30 2.89 -6.19
C ASP A 294 -2.51 3.24 -7.08
N CYS A 295 -2.32 3.55 -8.36
CA CYS A 295 -3.43 3.89 -9.24
C CYS A 295 -3.75 2.79 -10.22
N VAL A 296 -3.01 1.68 -10.13
CA VAL A 296 -3.18 0.57 -11.04
C VAL A 296 -3.60 -0.73 -10.36
N THR A 297 -4.18 -1.62 -11.16
CA THR A 297 -4.37 -3.02 -10.82
C THR A 297 -3.37 -3.86 -11.60
N ILE A 298 -2.79 -4.87 -10.93
CA ILE A 298 -1.94 -5.85 -11.57
C ILE A 298 -2.32 -7.24 -11.05
N PRO A 299 -1.94 -8.31 -11.77
CA PRO A 299 -2.35 -9.66 -11.38
C PRO A 299 -1.91 -10.03 -9.97
N ASN A 300 -2.83 -10.57 -9.19
CA ASN A 300 -2.45 -11.15 -7.93
C ASN A 300 -1.80 -12.47 -8.31
N LEU A 301 -0.51 -12.67 -8.01
CA LEU A 301 0.13 -13.93 -8.45
C LEU A 301 -0.25 -15.21 -7.65
N VAL A 302 -1.02 -15.08 -6.58
CA VAL A 302 -1.45 -16.27 -5.83
C VAL A 302 -2.82 -16.65 -6.36
N THR A 303 -3.73 -15.68 -6.43
CA THR A 303 -5.10 -15.96 -6.85
C THR A 303 -5.29 -16.09 -8.34
N GLY A 304 -4.36 -15.54 -9.13
CA GLY A 304 -4.48 -15.53 -10.59
C GLY A 304 -5.52 -14.53 -11.07
N LYS A 305 -5.97 -13.68 -10.17
CA LYS A 305 -6.96 -12.68 -10.47
C LYS A 305 -6.33 -11.31 -10.32
N PRO A 306 -6.97 -10.30 -10.90
CA PRO A 306 -6.52 -8.94 -10.73
C PRO A 306 -6.49 -8.49 -9.27
N GLY A 307 -5.41 -7.84 -8.88
CA GLY A 307 -5.32 -7.32 -7.53
C GLY A 307 -4.93 -5.87 -7.48
N PHE A 308 -4.83 -5.38 -6.26
CA PHE A 308 -4.51 -4.01 -5.99
C PHE A 308 -3.43 -3.97 -4.90
N PHE A 309 -2.28 -3.38 -5.18
CA PHE A 309 -1.15 -3.42 -4.27
C PHE A 309 -0.55 -2.03 -4.03
N PRO A 310 -1.23 -1.21 -3.23
CA PRO A 310 -0.72 0.11 -2.94
C PRO A 310 0.34 0.02 -1.86
N LEU A 311 1.45 -0.63 -2.18
CA LEU A 311 2.56 -0.80 -1.25
C LEU A 311 3.75 -0.01 -1.72
N GLY A 312 4.49 0.51 -0.75
CA GLY A 312 5.67 1.31 -1.01
C GLY A 312 6.57 0.60 -2.01
N SER A 313 7.02 -0.59 -1.64
CA SER A 313 7.96 -1.40 -2.43
C SER A 313 7.71 -1.50 -3.94
N MET A 314 6.44 -1.46 -4.35
CA MET A 314 6.07 -1.62 -5.75
C MET A 314 6.58 -0.45 -6.60
N ALA A 315 6.50 0.77 -6.05
CA ALA A 315 6.94 2.00 -6.72
C ALA A 315 8.27 1.87 -7.46
N ASN A 316 9.34 1.63 -6.71
CA ASN A 316 10.65 1.56 -7.28
C ASN A 316 10.80 0.48 -8.34
N ARG A 317 10.19 -0.67 -8.13
CA ARG A 317 10.38 -1.79 -9.03
C ARG A 317 9.62 -1.49 -10.32
N GLN A 318 8.38 -1.02 -10.21
CA GLN A 318 7.55 -0.72 -11.38
C GLN A 318 8.09 0.51 -12.13
N GLY A 319 8.63 1.47 -11.41
CA GLY A 319 9.18 2.67 -12.01
C GLY A 319 10.34 2.36 -12.92
N ARG A 320 11.21 1.44 -12.46
CA ARG A 320 12.36 1.05 -13.24
C ARG A 320 11.91 0.47 -14.54
N VAL A 321 10.93 -0.44 -14.49
CA VAL A 321 10.40 -1.05 -15.70
C VAL A 321 9.78 0.02 -16.59
N ILE A 322 9.07 1.00 -16.01
CA ILE A 322 8.46 2.00 -16.86
C ILE A 322 9.59 2.82 -17.53
N GLY A 323 10.61 3.18 -16.76
CA GLY A 323 11.79 3.87 -17.31
C GLY A 323 12.45 3.24 -18.52
N THR A 324 12.66 1.94 -18.44
CA THR A 324 13.26 1.12 -19.47
C THR A 324 12.35 1.02 -20.68
N ASN A 325 11.05 0.86 -20.45
CA ASN A 325 10.12 0.75 -21.55
C ASN A 325 9.87 2.10 -22.25
N LEU A 326 9.97 3.24 -21.53
CA LEU A 326 9.94 4.57 -22.16
C LEU A 326 11.12 4.72 -23.10
N ALA A 327 12.24 4.08 -22.77
CA ALA A 327 13.41 4.02 -23.65
C ALA A 327 13.39 2.88 -24.67
N ASP A 328 12.21 2.37 -25.03
CA ASP A 328 12.06 1.38 -26.09
C ASP A 328 12.52 -0.01 -25.70
N GLY A 329 12.73 -0.25 -24.39
CA GLY A 329 13.04 -1.62 -23.91
C GLY A 329 11.79 -2.48 -23.85
N ASP A 330 11.91 -3.69 -23.30
CA ASP A 330 10.77 -4.58 -23.15
C ASP A 330 10.89 -5.30 -21.80
N ALA A 331 11.21 -4.53 -20.77
CA ALA A 331 11.15 -4.99 -19.39
C ALA A 331 9.69 -5.25 -18.91
N THR A 332 9.52 -6.29 -18.08
CA THR A 332 8.22 -6.71 -17.55
C THR A 332 8.15 -6.77 -16.03
N PHE A 333 6.96 -6.56 -15.51
CA PHE A 333 6.64 -6.67 -14.08
C PHE A 333 5.40 -7.53 -14.02
N PRO A 334 5.50 -8.75 -13.44
CA PRO A 334 4.47 -9.78 -13.62
C PRO A 334 3.19 -9.60 -12.80
N GLY A 335 3.28 -8.83 -11.73
CA GLY A 335 2.22 -8.73 -10.74
C GLY A 335 2.83 -8.78 -9.36
N ALA A 336 2.05 -9.17 -8.37
CA ALA A 336 2.51 -9.20 -7.00
C ALA A 336 1.83 -10.29 -6.19
N VAL A 337 2.48 -10.66 -5.09
CA VAL A 337 1.89 -11.49 -4.06
C VAL A 337 1.61 -10.76 -2.75
N GLY A 338 2.10 -9.53 -2.57
CA GLY A 338 1.73 -8.74 -1.38
C GLY A 338 2.61 -8.87 -0.13
N SER A 339 3.90 -9.08 -0.32
CA SER A 339 4.83 -9.11 0.78
C SER A 339 4.79 -7.84 1.61
N TRP A 340 4.96 -7.95 2.93
CA TRP A 340 4.89 -6.77 3.79
C TRP A 340 5.63 -7.05 5.09
N ALA A 341 6.00 -5.98 5.78
CA ALA A 341 6.56 -6.06 7.10
C ALA A 341 6.18 -4.80 7.85
N VAL A 342 5.88 -4.96 9.15
CA VAL A 342 5.65 -3.86 10.07
C VAL A 342 6.50 -4.06 11.34
N LYS A 343 7.22 -3.03 11.74
CA LYS A 343 7.93 -3.03 13.00
C LYS A 343 7.07 -2.30 14.04
N LEU A 344 6.83 -2.98 15.16
CA LEU A 344 6.02 -2.45 16.26
C LEU A 344 6.96 -2.10 17.43
N PHE A 345 6.46 -2.01 18.64
CA PHE A 345 7.32 -1.53 19.74
C PHE A 345 8.44 -2.51 20.00
N GLU A 346 8.09 -3.76 20.26
CA GLU A 346 9.06 -4.82 20.53
C GLU A 346 9.07 -5.92 19.46
N GLY A 347 7.90 -6.31 18.96
CA GLY A 347 7.86 -7.33 17.91
C GLY A 347 7.84 -6.74 16.52
N SER A 348 8.00 -7.62 15.55
CA SER A 348 7.84 -7.34 14.15
C SER A 348 6.89 -8.35 13.59
N ALA A 349 6.08 -7.94 12.63
CA ALA A 349 5.20 -8.85 11.94
C ALA A 349 5.53 -8.78 10.45
N SER A 350 5.37 -9.88 9.72
CA SER A 350 5.69 -9.93 8.29
C SER A 350 4.91 -11.03 7.62
N GLY A 351 4.74 -10.93 6.29
CA GLY A 351 3.91 -11.90 5.53
C GLY A 351 3.85 -11.67 4.00
N ALA A 352 3.09 -12.50 3.32
CA ALA A 352 2.97 -12.46 1.87
C ALA A 352 1.81 -13.33 1.50
N GLY A 353 1.11 -12.99 0.44
CA GLY A 353 0.03 -13.80 -0.04
C GLY A 353 -1.20 -13.63 0.87
N LEU A 354 -2.04 -14.65 0.87
CA LEU A 354 -3.31 -14.61 1.57
C LEU A 354 -3.22 -15.05 3.01
N THR A 355 -4.06 -14.43 3.84
CA THR A 355 -4.29 -14.92 5.19
C THR A 355 -5.35 -16.00 5.04
N VAL A 356 -5.56 -16.80 6.07
CA VAL A 356 -6.58 -17.84 6.04
C VAL A 356 -8.00 -17.27 5.76
N GLU A 357 -8.36 -16.20 6.47
CA GLU A 357 -9.66 -15.54 6.28
C GLU A 357 -9.76 -14.99 4.86
N GLY A 358 -8.66 -14.40 4.38
CA GLY A 358 -8.55 -13.97 3.02
C GLY A 358 -8.72 -15.10 2.03
N ALA A 359 -8.08 -16.24 2.29
CA ALA A 359 -8.22 -17.37 1.37
C ALA A 359 -9.65 -17.91 1.46
N LEU A 360 -10.21 -17.96 2.66
CA LEU A 360 -11.61 -18.41 2.80
C LEU A 360 -12.52 -17.46 2.07
N ARG A 361 -12.26 -16.15 2.17
CA ARG A 361 -13.14 -15.17 1.48
C ARG A 361 -13.11 -15.38 -0.05
N GLU A 362 -11.97 -15.80 -0.59
CA GLU A 362 -11.84 -16.11 -2.03
C GLU A 362 -12.44 -17.46 -2.37
N GLY A 363 -12.91 -18.17 -1.35
CA GLY A 363 -13.51 -19.48 -1.52
C GLY A 363 -12.55 -20.66 -1.67
N TYR A 364 -11.32 -20.54 -1.18
CA TYR A 364 -10.44 -21.71 -1.08
C TYR A 364 -10.85 -22.46 0.17
N ASP A 365 -10.82 -23.77 0.06
CA ASP A 365 -10.90 -24.63 1.24
C ASP A 365 -9.54 -24.61 1.96
N ALA A 366 -9.25 -23.53 2.68
CA ALA A 366 -7.92 -23.29 3.19
C ALA A 366 -7.79 -23.64 4.62
N VAL A 367 -6.59 -23.99 5.05
CA VAL A 367 -6.31 -24.24 6.44
C VAL A 367 -5.10 -23.42 6.88
N ASN A 368 -5.18 -22.90 8.08
CA ASN A 368 -4.13 -22.16 8.69
C ASN A 368 -3.35 -23.07 9.64
N VAL A 369 -2.10 -23.32 9.31
CA VAL A 369 -1.18 -24.13 10.12
C VAL A 369 -0.18 -23.25 10.86
N HIS A 370 -0.09 -23.37 12.17
CA HIS A 370 0.86 -22.55 12.93
C HIS A 370 1.99 -23.40 13.54
N VAL A 371 3.10 -22.74 13.75
CA VAL A 371 4.27 -23.33 14.31
C VAL A 371 4.92 -22.26 15.17
N GLU A 372 5.39 -22.65 16.36
CA GLU A 372 6.12 -21.73 17.26
C GLU A 372 7.48 -22.30 17.60
N GLN A 373 8.41 -21.44 18.01
CA GLN A 373 9.79 -21.85 18.35
C GLN A 373 10.24 -21.23 19.67
N ILE A 385 10.95 -16.16 21.17
CA ILE A 385 9.66 -16.35 20.51
C ILE A 385 9.64 -16.11 18.97
N MET A 386 9.20 -17.13 18.22
CA MET A 386 8.82 -16.95 16.81
C MET A 386 7.62 -17.80 16.43
N THR A 387 6.59 -17.17 15.83
CA THR A 387 5.45 -17.86 15.25
C THR A 387 5.35 -17.64 13.74
N LEU A 388 5.17 -18.73 13.01
CA LEU A 388 4.80 -18.73 11.61
C LEU A 388 3.43 -19.35 11.44
N GLN A 389 2.68 -18.82 10.49
CA GLN A 389 1.44 -19.40 10.08
C GLN A 389 1.49 -19.55 8.55
N LEU A 390 1.07 -20.72 8.07
CA LEU A 390 1.18 -21.10 6.69
C LEU A 390 -0.21 -21.38 6.21
N VAL A 391 -0.57 -20.82 5.06
CA VAL A 391 -1.94 -20.94 4.56
C VAL A 391 -1.94 -21.83 3.36
N VAL A 392 -2.74 -22.89 3.42
CA VAL A 392 -2.64 -24.00 2.48
C VAL A 392 -3.99 -24.34 1.87
N ASP A 393 -4.04 -24.55 0.57
CA ASP A 393 -5.25 -25.02 -0.05
C ASP A 393 -5.34 -26.54 0.09
N ARG A 394 -6.40 -27.05 0.71
CA ARG A 394 -6.55 -28.51 0.90
C ARG A 394 -6.43 -29.37 -0.36
N PRO A 395 -7.28 -29.15 -1.35
CA PRO A 395 -7.25 -30.06 -2.51
C PRO A 395 -6.03 -30.04 -3.43
N THR A 396 -5.36 -28.91 -3.52
CA THR A 396 -4.18 -28.80 -4.40
C THR A 396 -2.87 -28.95 -3.62
N ARG A 397 -2.98 -28.78 -2.31
CA ARG A 397 -1.83 -28.64 -1.43
C ARG A 397 -1.01 -27.37 -1.74
N ARG A 398 -1.58 -26.37 -2.39
CA ARG A 398 -0.83 -25.14 -2.73
C ARG A 398 -0.70 -24.30 -1.49
N VAL A 399 0.46 -23.67 -1.34
CA VAL A 399 0.66 -22.70 -0.27
C VAL A 399 0.13 -21.39 -0.81
N LEU A 400 -0.76 -20.73 -0.07
CA LEU A 400 -1.40 -19.50 -0.53
C LEU A 400 -0.83 -18.26 0.16
N GLY A 401 -0.08 -18.48 1.23
CA GLY A 401 0.39 -17.41 2.05
C GLY A 401 1.13 -17.87 3.28
N ILE A 402 1.79 -16.90 3.91
CA ILE A 402 2.59 -17.12 5.04
C ILE A 402 2.64 -15.80 5.80
N GLN A 403 2.45 -15.85 7.13
CA GLN A 403 2.65 -14.71 7.99
C GLN A 403 3.36 -15.08 9.29
N GLY A 404 3.88 -14.11 10.02
CA GLY A 404 4.54 -14.42 11.25
C GLY A 404 4.73 -13.23 12.17
N PHE A 405 5.14 -13.53 13.40
CA PHE A 405 5.48 -12.51 14.36
C PHE A 405 6.67 -12.96 15.18
N SER A 406 7.56 -12.02 15.49
CA SER A 406 8.76 -12.30 16.26
C SER A 406 9.33 -11.04 16.92
N THR A 407 10.01 -11.22 18.06
CA THR A 407 10.85 -10.16 18.62
C THR A 407 12.16 -10.05 17.84
N LEU A 408 12.48 -11.07 17.06
CA LEU A 408 13.64 -10.98 16.19
C LEU A 408 13.18 -10.61 14.79
N GLY A 409 13.37 -9.34 14.44
CA GLY A 409 12.95 -8.81 13.13
C GLY A 409 13.60 -9.44 11.92
N ASP A 410 14.92 -9.41 11.88
CA ASP A 410 15.63 -9.95 10.71
C ASP A 410 15.43 -11.47 10.58
N ALA A 411 15.39 -12.17 11.71
CA ALA A 411 15.21 -13.63 11.67
C ALA A 411 13.88 -14.02 11.01
N LEU A 412 12.80 -13.29 11.31
CA LEU A 412 11.47 -13.54 10.70
C LEU A 412 11.38 -13.19 9.21
N THR A 413 11.93 -12.03 8.90
CA THR A 413 12.09 -11.55 7.55
C THR A 413 12.76 -12.62 6.67
N ALA A 414 13.82 -13.24 7.19
CA ALA A 414 14.51 -14.29 6.46
C ALA A 414 13.63 -15.51 6.15
N ARG A 415 12.67 -15.75 7.02
CA ARG A 415 11.80 -16.89 6.90
C ARG A 415 10.68 -16.48 5.93
N ILE A 416 10.10 -15.32 6.11
CA ILE A 416 9.06 -14.85 5.17
C ILE A 416 9.57 -14.68 3.72
N ASN A 417 10.79 -14.12 3.57
CA ASN A 417 11.37 -13.91 2.24
C ASN A 417 11.53 -15.20 1.49
N ALA A 418 12.01 -16.24 2.19
CA ALA A 418 12.25 -17.53 1.57
C ALA A 418 11.02 -18.01 0.87
N VAL A 419 9.87 -17.88 1.53
CA VAL A 419 8.64 -18.34 0.99
C VAL A 419 7.98 -17.33 0.02
N ALA A 420 8.10 -16.04 0.31
CA ALA A 420 7.46 -14.98 -0.50
C ALA A 420 7.89 -15.01 -1.97
N THR A 421 9.19 -15.20 -2.19
CA THR A 421 9.69 -15.30 -3.56
C THR A 421 9.32 -16.61 -4.24
N MET A 422 8.85 -17.58 -3.46
CA MET A 422 8.37 -18.84 -4.02
C MET A 422 6.89 -18.73 -4.42
N LEU A 423 6.09 -17.85 -3.77
CA LEU A 423 4.61 -17.93 -3.93
C LEU A 423 4.13 -17.86 -5.37
N ALA A 424 4.73 -16.98 -6.18
CA ALA A 424 4.34 -16.83 -7.59
C ALA A 424 4.56 -18.10 -8.40
N SER A 425 5.49 -18.96 -8.00
CA SER A 425 5.72 -20.24 -8.71
C SER A 425 4.75 -21.36 -8.28
N LYS A 426 3.81 -21.04 -7.40
CA LYS A 426 2.78 -21.99 -6.96
C LYS A 426 3.37 -23.20 -6.27
N PRO A 427 4.11 -22.99 -5.20
CA PRO A 427 4.64 -24.10 -4.46
C PRO A 427 3.55 -24.87 -3.72
N THR A 428 3.83 -26.14 -3.42
CA THR A 428 2.95 -26.99 -2.66
C THR A 428 3.64 -27.18 -1.32
N VAL A 429 2.99 -27.91 -0.40
CA VAL A 429 3.50 -28.16 0.93
C VAL A 429 4.85 -28.88 0.91
N GLU A 430 5.01 -29.77 -0.05
CA GLU A 430 6.25 -30.45 -0.23
C GLU A 430 7.39 -29.44 -0.56
N ASP A 431 7.09 -28.38 -1.32
CA ASP A 431 8.11 -27.42 -1.66
C ASP A 431 8.55 -26.68 -0.45
N ILE A 432 7.65 -26.53 0.53
CA ILE A 432 7.99 -25.86 1.78
C ILE A 432 8.73 -26.82 2.73
N SER A 433 8.30 -28.08 2.81
CA SER A 433 9.07 -29.14 3.51
C SER A 433 10.53 -29.21 2.99
N ASN A 434 10.70 -29.08 1.70
CA ASN A 434 12.01 -29.18 1.08
C ASN A 434 12.73 -27.86 0.79
N ALA A 435 12.14 -26.71 1.16
CA ALA A 435 12.70 -25.39 0.81
C ALA A 435 14.13 -25.35 1.24
N GLU A 436 15.02 -24.91 0.35
CA GLU A 436 16.45 -25.04 0.61
C GLU A 436 16.97 -23.79 1.28
N VAL A 437 16.48 -23.59 2.48
CA VAL A 437 16.83 -22.44 3.27
C VAL A 437 18.15 -22.69 3.93
N VAL A 438 18.90 -21.62 4.06
CA VAL A 438 20.20 -21.62 4.63
C VAL A 438 20.11 -22.04 6.09
N MET A 447 15.77 -28.96 12.44
CA MET A 447 15.48 -28.29 11.16
C MET A 447 14.85 -26.90 11.28
N ASP A 448 14.94 -26.15 10.19
CA ASP A 448 14.48 -24.78 10.12
C ASP A 448 12.95 -24.71 10.25
N ILE A 449 12.46 -23.65 10.87
CA ILE A 449 11.06 -23.49 11.13
C ILE A 449 10.20 -23.47 9.90
N VAL A 450 10.75 -22.98 8.78
CA VAL A 450 10.01 -22.99 7.52
C VAL A 450 9.72 -24.41 7.05
N ASN A 451 10.73 -25.27 7.10
CA ASN A 451 10.56 -26.68 6.78
C ASN A 451 9.58 -27.34 7.76
N VAL A 452 9.71 -27.00 9.03
CA VAL A 452 8.82 -27.57 10.05
C VAL A 452 7.37 -27.18 9.73
N ALA A 453 7.13 -25.96 9.27
CA ALA A 453 5.77 -25.55 8.93
C ALA A 453 5.23 -26.40 7.80
N GLY A 454 6.06 -26.69 6.80
CA GLY A 454 5.66 -27.57 5.69
C GLY A 454 5.36 -29.01 6.14
N ASN A 455 6.11 -29.51 7.12
CA ASN A 455 5.87 -30.86 7.65
C ASN A 455 4.57 -30.94 8.47
N VAL A 456 4.35 -29.96 9.35
CA VAL A 456 3.09 -29.87 10.09
C VAL A 456 1.88 -29.73 9.16
N ALA A 457 1.99 -28.95 8.10
CA ALA A 457 0.91 -28.83 7.12
C ALA A 457 0.60 -30.11 6.32
N ASP A 458 1.65 -30.83 5.94
CA ASP A 458 1.50 -32.12 5.28
C ASP A 458 0.84 -33.10 6.28
N ASN A 459 1.24 -33.04 7.54
CA ASN A 459 0.59 -33.79 8.60
C ASN A 459 -0.89 -33.38 8.85
N VAL A 460 -1.16 -32.07 8.98
CA VAL A 460 -2.55 -31.61 9.14
C VAL A 460 -3.37 -32.08 7.94
N LEU A 461 -2.88 -31.95 6.72
CA LEU A 461 -3.65 -32.43 5.55
C LEU A 461 -3.84 -33.97 5.42
N ALA A 462 -3.07 -34.76 6.15
CA ALA A 462 -3.18 -36.23 6.06
C ALA A 462 -4.15 -36.75 7.14
CA CA B . -18.37 22.91 21.46
#